data_4TQC
#
_entry.id   4TQC
#
_cell.length_a   40.210
_cell.length_b   73.640
_cell.length_c   66.980
_cell.angle_alpha   90.00
_cell.angle_beta   74.92
_cell.angle_gamma   90.00
#
_symmetry.space_group_name_H-M   'P 1 21 1'
#
loop_
_entity.id
_entity.type
_entity.pdbx_description
1 polymer 'Eukaryotic translation initiation factor 4E'
2 non-polymer "7N-METHYL-8-HYDROGUANOSINE-5'-DIPHOSPHATE"
3 non-polymer '(2S)-3-(4-amino-3-nitrophenyl)-2-{2-[4-(3,4-dichlorophenyl)-1,3-thiazol-2-yl]hydrazinyl}propanoic acid'
4 water water
#
_entity_poly.entity_id   1
_entity_poly.type   'polypeptide(L)'
_entity_poly.pdbx_seq_one_letter_code
;MVANPEHYIKHPLQNRWALWFFKNDKSKTWQANLRLISKFDTVEDFWALYNHIQLSSNLMPGCDYSLFKDGIEPMWEDEK
NKRGGRWLITLNKQQRRSDLDRFWLETLLCLIGESFDDYSDDVCGAVVNVRAKGDKIAIWTTECENREAVTHIGRVYKER
LGLPPKIVIGYQSHADTATKSGSTTKNRFVV
;
_entity_poly.pdbx_strand_id   A,B
#
loop_
_chem_comp.id
_chem_comp.type
_chem_comp.name
_chem_comp.formula
34J non-polymer '(2S)-3-(4-amino-3-nitrophenyl)-2-{2-[4-(3,4-dichlorophenyl)-1,3-thiazol-2-yl]hydrazinyl}propanoic acid' 'C18 H15 Cl2 N5 O4 S'
M7G non-polymer 7N-METHYL-8-HYDROGUANOSINE-5'-DIPHOSPHATE 'C11 H19 N5 O11 P2'
#
# COMPACT_ATOMS: atom_id res chain seq x y z
N ILE A 9 -9.17 11.24 17.11
CA ILE A 9 -7.78 10.81 16.99
C ILE A 9 -7.62 9.91 15.77
N LYS A 10 -8.64 9.10 15.49
CA LYS A 10 -8.65 8.24 14.32
C LYS A 10 -9.04 9.04 13.08
N HIS A 11 -8.65 8.53 11.91
CA HIS A 11 -8.88 9.22 10.65
C HIS A 11 -10.02 8.57 9.87
N PRO A 12 -11.18 9.23 9.80
CA PRO A 12 -12.32 8.65 9.10
C PRO A 12 -12.10 8.49 7.60
N LEU A 13 -12.67 7.43 7.04
CA LEU A 13 -12.74 7.24 5.60
C LEU A 13 -14.02 7.89 5.11
N GLN A 14 -14.09 8.18 3.81
CA GLN A 14 -15.28 8.80 3.26
C GLN A 14 -16.47 7.84 3.32
N ASN A 15 -16.18 6.53 3.25
CA ASN A 15 -17.21 5.50 3.32
C ASN A 15 -16.91 4.41 4.34
N ARG A 16 -17.96 3.75 4.80
CA ARG A 16 -17.83 2.53 5.60
C ARG A 16 -17.76 1.33 4.67
N TRP A 17 -16.82 0.43 4.94
CA TRP A 17 -16.57 -0.71 4.08
C TRP A 17 -16.76 -2.02 4.81
N ALA A 18 -17.12 -3.07 4.07
CA ALA A 18 -17.30 -4.39 4.64
C ALA A 18 -16.46 -5.43 3.89
N LEU A 19 -15.76 -6.27 4.65
CA LEU A 19 -14.97 -7.35 4.08
C LEU A 19 -15.78 -8.65 4.05
N TRP A 20 -15.85 -9.27 2.88
CA TRP A 20 -16.55 -10.55 2.72
C TRP A 20 -15.61 -11.67 2.31
N PHE A 21 -15.89 -12.87 2.81
CA PHE A 21 -15.22 -14.09 2.35
C PHE A 21 -16.18 -14.93 1.52
N PHE A 22 -15.62 -15.70 0.59
CA PHE A 22 -16.35 -16.71 -0.14
C PHE A 22 -15.52 -17.98 -0.16
N LYS A 23 -16.11 -19.08 0.31
CA LYS A 23 -15.46 -20.38 0.30
C LYS A 23 -16.09 -21.23 -0.78
N ASN A 24 -15.30 -21.63 -1.77
CA ASN A 24 -15.81 -22.48 -2.84
C ASN A 24 -16.41 -23.76 -2.28
N ASP A 25 -17.64 -24.05 -2.68
CA ASP A 25 -18.31 -25.28 -2.31
C ASP A 25 -19.41 -25.57 -3.32
N LYS A 26 -19.08 -26.41 -4.29
CA LYS A 26 -19.99 -26.70 -5.40
C LYS A 26 -21.24 -27.44 -4.94
N SER A 27 -21.19 -28.03 -3.75
CA SER A 27 -22.33 -28.78 -3.22
C SER A 27 -23.41 -27.85 -2.70
N LYS A 28 -23.09 -26.56 -2.57
CA LYS A 28 -24.02 -25.57 -2.06
C LYS A 28 -24.31 -24.50 -3.11
N THR A 29 -25.51 -23.93 -3.04
CA THR A 29 -25.86 -22.82 -3.91
C THR A 29 -24.93 -21.65 -3.60
N TRP A 30 -24.70 -20.79 -4.59
CA TRP A 30 -23.62 -19.81 -4.52
C TRP A 30 -23.70 -18.88 -3.33
N GLN A 31 -24.88 -18.32 -3.08
CA GLN A 31 -25.05 -17.34 -2.01
C GLN A 31 -24.77 -17.93 -0.63
N ALA A 32 -24.86 -19.24 -0.51
CA ALA A 32 -24.69 -19.90 0.77
C ALA A 32 -23.23 -19.88 1.23
N ASN A 33 -22.32 -19.66 0.28
CA ASN A 33 -20.89 -19.68 0.55
C ASN A 33 -20.31 -18.32 0.93
N LEU A 34 -21.15 -17.29 0.93
CA LEU A 34 -20.72 -15.95 1.29
C LEU A 34 -20.76 -15.71 2.79
N ARG A 35 -19.77 -14.98 3.29
CA ARG A 35 -19.68 -14.66 4.72
C ARG A 35 -19.22 -13.22 4.93
N LEU A 36 -20.04 -12.45 5.63
CA LEU A 36 -19.66 -11.09 6.03
C LEU A 36 -18.71 -11.15 7.22
N ILE A 37 -17.47 -10.67 7.04
CA ILE A 37 -16.45 -10.80 8.06
C ILE A 37 -16.47 -9.64 9.05
N SER A 38 -16.20 -8.43 8.57
CA SER A 38 -16.21 -7.27 9.45
C SER A 38 -16.33 -5.99 8.65
N LYS A 39 -16.51 -4.88 9.36
CA LYS A 39 -16.65 -3.57 8.73
C LYS A 39 -15.70 -2.58 9.37
N PHE A 40 -15.36 -1.51 8.63
CA PHE A 40 -14.50 -0.46 9.15
C PHE A 40 -14.82 0.86 8.46
N ASP A 41 -14.48 1.97 9.10
CA ASP A 41 -14.68 3.28 8.51
C ASP A 41 -13.58 4.27 8.90
N THR A 42 -12.43 3.74 9.31
CA THR A 42 -11.25 4.57 9.56
C THR A 42 -10.02 3.99 8.87
N VAL A 43 -9.03 4.85 8.65
CA VAL A 43 -7.74 4.42 8.12
C VAL A 43 -7.11 3.40 9.06
N GLU A 44 -7.16 3.68 10.36
CA GLU A 44 -6.52 2.82 11.35
C GLU A 44 -7.11 1.42 11.33
N ASP A 45 -8.43 1.33 11.23
CA ASP A 45 -9.10 0.02 11.27
C ASP A 45 -8.92 -0.74 9.96
N PHE A 46 -8.74 -0.03 8.85
CA PHE A 46 -8.44 -0.71 7.60
C PHE A 46 -7.10 -1.43 7.69
N TRP A 47 -6.07 -0.70 8.09
CA TRP A 47 -4.74 -1.28 8.16
C TRP A 47 -4.67 -2.39 9.20
N ALA A 48 -5.42 -2.24 10.29
CA ALA A 48 -5.44 -3.26 11.33
C ALA A 48 -5.94 -4.57 10.75
N LEU A 49 -7.02 -4.47 9.97
CA LEU A 49 -7.61 -5.63 9.32
C LEU A 49 -6.68 -6.20 8.24
N TYR A 50 -6.19 -5.33 7.36
CA TYR A 50 -5.32 -5.76 6.28
C TYR A 50 -4.07 -6.47 6.83
N ASN A 51 -3.41 -5.85 7.80
CA ASN A 51 -2.19 -6.42 8.37
C ASN A 51 -2.45 -7.74 9.07
N HIS A 52 -3.61 -7.88 9.69
CA HIS A 52 -3.95 -9.08 10.41
C HIS A 52 -4.11 -10.26 9.45
N ILE A 53 -4.83 -10.03 8.36
CA ILE A 53 -5.06 -11.08 7.37
C ILE A 53 -3.78 -11.44 6.64
N GLN A 54 -2.92 -10.46 6.39
CA GLN A 54 -1.64 -10.73 5.73
C GLN A 54 -0.78 -11.66 6.61
N LEU A 55 -0.86 -11.47 7.91
CA LEU A 55 -0.15 -12.34 8.85
C LEU A 55 -0.91 -13.63 9.12
N SER A 56 -2.21 -13.61 8.81
CA SER A 56 -3.10 -14.70 9.18
C SER A 56 -3.80 -15.20 7.90
N MET A 60 -6.77 -21.32 0.75
CA MET A 60 -7.10 -20.08 0.06
C MET A 60 -7.64 -20.27 -1.37
N PRO A 61 -7.26 -21.38 -2.05
CA PRO A 61 -7.72 -21.43 -3.45
C PRO A 61 -9.21 -21.72 -3.59
N GLY A 62 -9.82 -21.19 -4.65
CA GLY A 62 -11.25 -21.30 -4.85
C GLY A 62 -12.01 -20.20 -4.12
N CYS A 63 -11.35 -19.58 -3.14
CA CYS A 63 -11.99 -18.61 -2.28
C CYS A 63 -11.87 -17.19 -2.83
N ASP A 64 -12.76 -16.32 -2.35
CA ASP A 64 -12.73 -14.90 -2.72
C ASP A 64 -12.65 -14.01 -1.49
N TYR A 65 -12.00 -12.86 -1.66
CA TYR A 65 -12.13 -11.72 -0.76
C TYR A 65 -12.90 -10.65 -1.51
N SER A 66 -13.82 -9.99 -0.82
CA SER A 66 -14.51 -8.84 -1.39
C SER A 66 -14.55 -7.70 -0.39
N LEU A 67 -14.30 -6.49 -0.88
CA LEU A 67 -14.49 -5.29 -0.07
C LEU A 67 -15.55 -4.43 -0.74
N PHE A 68 -16.68 -4.26 -0.07
CA PHE A 68 -17.80 -3.50 -0.63
C PHE A 68 -18.27 -2.44 0.33
N LYS A 69 -18.80 -1.34 -0.21
CA LYS A 69 -19.39 -0.29 0.60
C LYS A 69 -20.47 -0.90 1.48
N ASP A 70 -20.60 -0.37 2.69
CA ASP A 70 -21.59 -0.85 3.64
C ASP A 70 -22.97 -0.84 3.02
N GLY A 71 -23.70 -1.95 3.16
CA GLY A 71 -25.04 -2.04 2.63
C GLY A 71 -25.12 -2.67 1.25
N ILE A 72 -23.97 -2.88 0.62
CA ILE A 72 -23.94 -3.56 -0.68
C ILE A 72 -23.31 -4.94 -0.54
N GLU A 73 -24.09 -5.97 -0.83
CA GLU A 73 -23.58 -7.33 -0.82
C GLU A 73 -22.81 -7.59 -2.12
N PRO A 74 -21.74 -8.39 -2.04
CA PRO A 74 -20.87 -8.62 -3.19
C PRO A 74 -21.45 -9.64 -4.18
N MET A 75 -22.64 -9.36 -4.68
CA MET A 75 -23.33 -10.26 -5.60
C MET A 75 -24.17 -9.48 -6.61
N TRP A 76 -24.37 -10.08 -7.77
CA TRP A 76 -25.16 -9.45 -8.84
C TRP A 76 -26.54 -9.04 -8.36
N GLU A 77 -27.13 -9.87 -7.51
CA GLU A 77 -28.52 -9.69 -7.09
C GLU A 77 -28.76 -8.41 -6.30
N ASP A 78 -27.70 -7.83 -5.74
CA ASP A 78 -27.84 -6.61 -4.96
C ASP A 78 -28.35 -5.47 -5.84
N GLU A 79 -29.24 -4.66 -5.29
CA GLU A 79 -29.83 -3.55 -6.04
C GLU A 79 -28.77 -2.64 -6.64
N LYS A 80 -27.65 -2.48 -5.93
CA LYS A 80 -26.61 -1.57 -6.38
C LYS A 80 -25.66 -2.22 -7.38
N ASN A 81 -25.78 -3.53 -7.58
CA ASN A 81 -24.96 -4.25 -8.57
C ASN A 81 -25.76 -4.73 -9.77
N LYS A 82 -27.06 -4.93 -9.55
CA LYS A 82 -27.97 -5.49 -10.57
C LYS A 82 -27.77 -4.91 -11.97
N ARG A 83 -27.65 -3.59 -12.06
CA ARG A 83 -27.51 -2.91 -13.34
C ARG A 83 -26.07 -2.56 -13.63
N GLY A 84 -25.16 -3.08 -12.81
CA GLY A 84 -23.76 -2.71 -12.87
C GLY A 84 -22.89 -3.67 -13.66
N GLY A 85 -21.60 -3.63 -13.37
CA GLY A 85 -20.62 -4.42 -14.08
C GLY A 85 -19.29 -4.32 -13.37
N ARG A 86 -18.25 -4.85 -13.99
CA ARG A 86 -16.94 -4.89 -13.36
C ARG A 86 -15.80 -4.72 -14.34
N TRP A 87 -14.78 -3.97 -13.91
CA TRP A 87 -13.51 -3.95 -14.60
C TRP A 87 -12.70 -5.14 -14.15
N LEU A 88 -12.39 -6.05 -15.06
CA LEU A 88 -11.76 -7.31 -14.71
C LEU A 88 -10.30 -7.37 -15.13
N ILE A 89 -9.44 -7.64 -14.15
CA ILE A 89 -8.04 -7.92 -14.40
C ILE A 89 -7.79 -9.42 -14.20
N THR A 90 -7.30 -10.09 -15.25
CA THR A 90 -6.97 -11.51 -15.15
C THR A 90 -5.46 -11.68 -15.08
N LEU A 91 -4.99 -12.31 -13.99
CA LEU A 91 -3.58 -12.57 -13.79
C LEU A 91 -3.19 -13.92 -14.42
N ASN A 92 -1.94 -14.02 -14.85
CA ASN A 92 -1.40 -15.32 -15.24
C ASN A 92 -0.91 -16.06 -14.00
N LYS A 93 -0.58 -17.33 -14.15
CA LYS A 93 -0.28 -18.17 -12.99
C LYS A 93 0.97 -17.73 -12.22
N GLN A 94 1.88 -17.04 -12.91
CA GLN A 94 3.12 -16.61 -12.28
C GLN A 94 2.90 -15.35 -11.44
N GLN A 95 1.86 -14.61 -11.77
CA GLN A 95 1.61 -13.31 -11.13
C GLN A 95 1.05 -13.43 -9.72
N ARG A 96 0.66 -14.64 -9.32
CA ARG A 96 0.16 -14.85 -7.96
C ARG A 96 1.28 -14.54 -6.97
N ARG A 97 2.49 -14.95 -7.34
CA ARG A 97 3.65 -14.76 -6.48
C ARG A 97 4.19 -13.33 -6.59
N SER A 98 4.20 -12.79 -7.80
CA SER A 98 4.86 -11.51 -8.06
C SER A 98 3.94 -10.30 -7.87
N ASP A 99 2.71 -10.39 -8.36
CA ASP A 99 1.85 -9.21 -8.51
C ASP A 99 0.55 -9.21 -7.72
N LEU A 100 0.04 -10.38 -7.34
CA LEU A 100 -1.30 -10.46 -6.76
C LEU A 100 -1.46 -9.57 -5.53
N ASP A 101 -0.54 -9.68 -4.58
CA ASP A 101 -0.64 -8.90 -3.34
C ASP A 101 -0.57 -7.40 -3.63
N ARG A 102 0.35 -6.99 -4.50
CA ARG A 102 0.47 -5.59 -4.86
C ARG A 102 -0.80 -5.09 -5.54
N PHE A 103 -1.30 -5.83 -6.53
CA PHE A 103 -2.52 -5.45 -7.22
C PHE A 103 -3.70 -5.32 -6.27
N TRP A 104 -3.85 -6.27 -5.35
CA TRP A 104 -4.98 -6.26 -4.43
C TRP A 104 -4.92 -5.05 -3.50
N LEU A 105 -3.76 -4.80 -2.89
CA LEU A 105 -3.62 -3.67 -1.99
C LEU A 105 -3.86 -2.36 -2.74
N GLU A 106 -3.28 -2.22 -3.92
CA GLU A 106 -3.47 -1.02 -4.71
C GLU A 106 -4.95 -0.83 -5.07
N THR A 107 -5.65 -1.93 -5.33
CA THR A 107 -7.09 -1.87 -5.58
C THR A 107 -7.85 -1.40 -4.34
N LEU A 108 -7.54 -2.00 -3.18
CA LEU A 108 -8.17 -1.60 -1.93
C LEU A 108 -7.98 -0.11 -1.67
N LEU A 109 -6.79 0.41 -1.97
CA LEU A 109 -6.49 1.81 -1.72
C LEU A 109 -7.27 2.71 -2.69
N CYS A 110 -7.52 2.21 -3.90
CA CYS A 110 -8.39 2.94 -4.83
C CYS A 110 -9.79 3.10 -4.26
N LEU A 111 -10.27 2.05 -3.61
CA LEU A 111 -11.60 2.06 -3.02
C LEU A 111 -11.68 3.01 -1.83
N ILE A 112 -10.89 2.72 -0.79
CA ILE A 112 -11.07 3.45 0.46
C ILE A 112 -10.55 4.89 0.35
N GLY A 113 -9.63 5.12 -0.59
CA GLY A 113 -9.12 6.46 -0.84
C GLY A 113 -9.92 7.24 -1.88
N GLU A 114 -11.01 6.64 -2.38
CA GLU A 114 -11.89 7.29 -3.35
C GLU A 114 -11.10 7.90 -4.51
N SER A 115 -10.29 7.06 -5.15
CA SER A 115 -9.29 7.52 -6.12
C SER A 115 -9.87 7.97 -7.45
N PHE A 116 -11.16 7.75 -7.66
CA PHE A 116 -11.78 8.07 -8.95
C PHE A 116 -12.56 9.38 -8.89
N ASP A 117 -12.21 10.21 -7.91
CA ASP A 117 -12.82 11.53 -7.74
C ASP A 117 -14.35 11.43 -7.71
N ASP A 118 -15.03 12.23 -8.51
CA ASP A 118 -16.49 12.28 -8.48
C ASP A 118 -17.10 10.93 -8.86
N TYR A 119 -16.37 10.16 -9.65
CA TYR A 119 -16.88 8.89 -10.15
C TYR A 119 -16.72 7.74 -9.16
N SER A 120 -16.04 8.00 -8.04
CA SER A 120 -15.93 6.97 -7.01
C SER A 120 -17.31 6.67 -6.41
N ASP A 121 -18.25 7.58 -6.63
CA ASP A 121 -19.63 7.36 -6.20
C ASP A 121 -20.24 6.14 -6.91
N ASP A 122 -19.75 5.84 -8.11
CA ASP A 122 -20.25 4.70 -8.88
C ASP A 122 -19.63 3.37 -8.43
N VAL A 123 -18.57 3.43 -7.63
CA VAL A 123 -17.90 2.21 -7.20
C VAL A 123 -18.69 1.51 -6.09
N CYS A 124 -18.84 0.20 -6.24
CA CYS A 124 -19.56 -0.61 -5.26
C CYS A 124 -18.59 -1.36 -4.37
N GLY A 125 -17.55 -1.91 -4.99
CA GLY A 125 -16.57 -2.70 -4.26
C GLY A 125 -15.54 -3.33 -5.18
N ALA A 126 -14.77 -4.25 -4.62
CA ALA A 126 -13.77 -4.98 -5.40
C ALA A 126 -13.75 -6.43 -4.96
N VAL A 127 -13.39 -7.32 -5.87
CA VAL A 127 -13.34 -8.75 -5.61
C VAL A 127 -12.03 -9.33 -6.13
N VAL A 128 -11.41 -10.18 -5.33
CA VAL A 128 -10.30 -10.97 -5.82
C VAL A 128 -10.69 -12.45 -5.78
N ASN A 129 -10.57 -13.10 -6.93
CA ASN A 129 -10.78 -14.54 -7.05
C ASN A 129 -9.44 -15.24 -7.09
N VAL A 130 -9.20 -16.15 -6.16
CA VAL A 130 -8.04 -17.03 -6.23
C VAL A 130 -8.44 -18.27 -7.01
N ARG A 131 -7.85 -18.44 -8.19
CA ARG A 131 -8.18 -19.54 -9.10
C ARG A 131 -6.92 -20.16 -9.70
N ALA A 132 -6.87 -21.49 -9.74
CA ALA A 132 -5.76 -22.18 -10.36
C ALA A 132 -5.60 -21.76 -11.82
N LYS A 133 -6.73 -21.55 -12.49
CA LYS A 133 -6.71 -21.16 -13.90
C LYS A 133 -6.13 -19.75 -14.10
N GLY A 134 -6.01 -19.01 -12.99
CA GLY A 134 -5.48 -17.65 -13.03
C GLY A 134 -6.32 -16.74 -12.17
N ASP A 135 -5.65 -16.06 -11.22
CA ASP A 135 -6.35 -15.21 -10.28
C ASP A 135 -6.97 -14.01 -10.98
N LYS A 136 -8.02 -13.47 -10.38
CA LYS A 136 -8.73 -12.33 -10.94
C LYS A 136 -8.95 -11.27 -9.89
N ILE A 137 -8.84 -10.01 -10.30
CA ILE A 137 -9.18 -8.88 -9.46
C ILE A 137 -10.13 -8.00 -10.24
N ALA A 138 -11.19 -7.53 -9.60
CA ALA A 138 -12.16 -6.69 -10.28
C ALA A 138 -12.70 -5.58 -9.40
N ILE A 139 -12.95 -4.44 -10.04
CA ILE A 139 -13.69 -3.35 -9.41
C ILE A 139 -15.10 -3.34 -9.95
N TRP A 140 -16.07 -3.47 -9.06
CA TRP A 140 -17.48 -3.47 -9.42
C TRP A 140 -18.07 -2.06 -9.36
N THR A 141 -18.81 -1.65 -10.40
CA THR A 141 -19.49 -0.36 -10.40
C THR A 141 -20.98 -0.55 -10.62
N THR A 142 -21.75 0.50 -10.37
CA THR A 142 -23.18 0.36 -10.13
C THR A 142 -24.06 0.44 -11.38
N GLU A 143 -23.58 1.07 -12.45
CA GLU A 143 -24.35 1.21 -13.68
C GLU A 143 -23.47 1.00 -14.91
N CYS A 144 -23.74 -0.08 -15.64
CA CYS A 144 -22.86 -0.46 -16.75
C CYS A 144 -23.04 0.44 -17.97
N GLU A 145 -24.15 1.16 -18.03
CA GLU A 145 -24.43 2.05 -19.15
C GLU A 145 -23.89 3.46 -18.91
N ASN A 146 -23.32 3.70 -17.74
CA ASN A 146 -22.74 5.00 -17.39
C ASN A 146 -21.35 5.15 -17.97
N ARG A 147 -21.28 5.43 -19.27
CA ARG A 147 -20.03 5.37 -20.02
C ARG A 147 -18.92 6.24 -19.43
N GLU A 148 -19.20 7.49 -19.12
CA GLU A 148 -18.14 8.41 -18.70
C GLU A 148 -17.58 7.99 -17.34
N ALA A 149 -18.45 7.54 -16.44
CA ALA A 149 -18.01 7.08 -15.14
C ALA A 149 -17.21 5.78 -15.27
N VAL A 150 -17.75 4.83 -16.03
CA VAL A 150 -17.12 3.54 -16.19
C VAL A 150 -15.75 3.67 -16.85
N THR A 151 -15.66 4.46 -17.92
CA THR A 151 -14.40 4.61 -18.64
C THR A 151 -13.38 5.37 -17.81
N HIS A 152 -13.85 6.36 -17.04
CA HIS A 152 -12.96 7.11 -16.17
C HIS A 152 -12.34 6.20 -15.11
N ILE A 153 -13.19 5.38 -14.47
CA ILE A 153 -12.72 4.43 -13.48
C ILE A 153 -11.72 3.46 -14.08
N GLY A 154 -12.03 2.94 -15.27
CA GLY A 154 -11.13 2.03 -15.96
C GLY A 154 -9.76 2.63 -16.24
N ARG A 155 -9.74 3.84 -16.80
CA ARG A 155 -8.49 4.49 -17.19
C ARG A 155 -7.59 4.70 -15.98
N VAL A 156 -8.17 5.23 -14.91
CA VAL A 156 -7.43 5.55 -13.70
C VAL A 156 -6.91 4.28 -13.02
N TYR A 157 -7.78 3.27 -12.95
CA TYR A 157 -7.46 2.00 -12.31
C TYR A 157 -6.31 1.28 -13.03
N LYS A 158 -6.39 1.20 -14.35
CA LYS A 158 -5.34 0.58 -15.15
C LYS A 158 -4.01 1.29 -14.93
N GLU A 159 -4.05 2.62 -14.88
CA GLU A 159 -2.85 3.40 -14.67
C GLU A 159 -2.30 3.18 -13.27
N ARG A 160 -3.20 3.13 -12.30
CA ARG A 160 -2.81 3.03 -10.90
C ARG A 160 -2.06 1.73 -10.63
N LEU A 161 -2.45 0.66 -11.30
CA LEU A 161 -1.78 -0.64 -11.15
C LEU A 161 -0.57 -0.78 -12.07
N GLY A 162 -0.32 0.22 -12.90
CA GLY A 162 0.88 0.27 -13.71
C GLY A 162 0.89 -0.70 -14.89
N LEU A 163 -0.29 -1.07 -15.36
CA LEU A 163 -0.39 -2.00 -16.49
C LEU A 163 0.01 -1.33 -17.80
N PRO A 164 0.63 -2.08 -18.72
CA PRO A 164 1.10 -1.48 -19.97
C PRO A 164 -0.04 -1.11 -20.92
N PRO A 165 0.14 -0.03 -21.71
CA PRO A 165 -0.93 0.55 -22.54
C PRO A 165 -1.69 -0.41 -23.46
N LYS A 166 -1.00 -1.10 -24.36
CA LYS A 166 -1.66 -1.76 -25.49
C LYS A 166 -2.58 -2.91 -25.08
N ILE A 167 -2.21 -3.62 -24.03
CA ILE A 167 -2.99 -4.77 -23.55
C ILE A 167 -4.20 -4.29 -22.73
N VAL A 168 -5.39 -4.65 -23.18
CA VAL A 168 -6.60 -4.13 -22.56
C VAL A 168 -7.04 -4.94 -21.35
N ILE A 169 -7.79 -4.26 -20.49
CA ILE A 169 -8.64 -4.94 -19.52
C ILE A 169 -10.07 -4.64 -19.94
N GLY A 170 -10.99 -5.54 -19.60
CA GLY A 170 -12.36 -5.44 -20.07
C GLY A 170 -13.35 -5.14 -18.96
N TYR A 171 -14.42 -4.45 -19.33
CA TYR A 171 -15.54 -4.21 -18.43
C TYR A 171 -16.73 -5.04 -18.88
N GLN A 172 -17.22 -5.90 -17.98
CA GLN A 172 -18.36 -6.77 -18.26
C GLN A 172 -19.60 -6.33 -17.48
N SER A 173 -20.75 -6.32 -18.14
CA SER A 173 -22.02 -6.14 -17.48
C SER A 173 -22.34 -7.41 -16.67
N HIS A 174 -22.81 -7.24 -15.43
CA HIS A 174 -23.20 -8.39 -14.62
C HIS A 174 -24.36 -9.14 -15.27
N ALA A 175 -25.23 -8.39 -15.95
CA ALA A 175 -26.36 -8.98 -16.65
C ALA A 175 -25.88 -9.95 -17.72
N ASP A 176 -24.76 -9.61 -18.37
CA ASP A 176 -24.17 -10.46 -19.40
C ASP A 176 -23.46 -11.65 -18.77
N THR A 177 -22.71 -11.40 -17.69
CA THR A 177 -21.97 -12.45 -17.02
C THR A 177 -22.94 -13.51 -16.48
N ALA A 178 -24.09 -13.05 -16.01
CA ALA A 178 -25.08 -13.93 -15.40
C ALA A 178 -25.76 -14.85 -16.40
N THR A 179 -25.72 -14.45 -17.68
CA THR A 179 -26.36 -15.21 -18.75
C THR A 179 -25.34 -15.76 -19.75
N LYS A 180 -24.08 -15.79 -19.34
CA LYS A 180 -22.98 -16.29 -20.17
C LYS A 180 -23.24 -17.72 -20.62
N SER A 181 -23.11 -17.96 -21.93
CA SER A 181 -23.29 -19.29 -22.50
C SER A 181 -21.96 -19.84 -23.01
N LYS A 186 -18.42 -11.39 -22.90
CA LYS A 186 -18.35 -10.23 -23.78
C LYS A 186 -18.21 -8.94 -22.98
N ASN A 187 -17.42 -8.00 -23.50
CA ASN A 187 -17.14 -6.74 -22.82
C ASN A 187 -18.03 -5.60 -23.31
N ARG A 188 -18.41 -4.71 -22.39
CA ARG A 188 -19.12 -3.48 -22.77
C ARG A 188 -18.11 -2.40 -23.10
N PHE A 189 -16.97 -2.44 -22.42
CA PHE A 189 -15.90 -1.48 -22.63
C PHE A 189 -14.53 -2.14 -22.48
N VAL A 190 -13.50 -1.51 -23.02
CA VAL A 190 -12.13 -1.89 -22.73
C VAL A 190 -11.35 -0.62 -22.42
N VAL A 191 -10.20 -0.78 -21.77
CA VAL A 191 -9.28 0.34 -21.55
C VAL A 191 -7.85 -0.18 -21.60
N ILE B 9 -4.92 17.65 -13.43
CA ILE B 9 -5.47 16.32 -13.63
C ILE B 9 -4.94 15.37 -12.54
N LYS B 10 -3.66 15.51 -12.22
CA LYS B 10 -3.03 14.66 -11.21
C LYS B 10 -3.35 15.15 -9.81
N HIS B 11 -3.09 14.30 -8.83
CA HIS B 11 -3.38 14.59 -7.43
C HIS B 11 -2.09 14.92 -6.69
N PRO B 12 -1.91 16.20 -6.32
CA PRO B 12 -0.67 16.58 -5.66
C PRO B 12 -0.50 15.99 -4.28
N LEU B 13 0.75 15.71 -3.93
CA LEU B 13 1.12 15.35 -2.57
C LEU B 13 1.43 16.62 -1.79
N GLN B 14 1.35 16.56 -0.47
CA GLN B 14 1.64 17.71 0.37
C GLN B 14 3.09 18.13 0.22
N ASN B 15 3.97 17.14 0.00
CA ASN B 15 5.40 17.38 -0.18
C ASN B 15 5.96 16.74 -1.44
N ARG B 16 7.07 17.27 -1.91
CA ARG B 16 7.84 16.65 -2.97
C ARG B 16 8.85 15.70 -2.32
N TRP B 17 9.00 14.51 -2.90
CA TRP B 17 9.85 13.48 -2.33
C TRP B 17 10.92 13.04 -3.30
N ALA B 18 12.03 12.54 -2.77
CA ALA B 18 13.12 12.01 -3.58
C ALA B 18 13.47 10.59 -3.16
N LEU B 19 13.60 9.70 -4.14
CA LEU B 19 14.04 8.34 -3.91
C LEU B 19 15.55 8.27 -4.06
N TRP B 20 16.21 7.71 -3.04
CA TRP B 20 17.67 7.54 -3.06
C TRP B 20 18.03 6.06 -3.01
N PHE B 21 19.19 5.75 -3.57
CA PHE B 21 19.74 4.40 -3.52
C PHE B 21 21.14 4.47 -2.92
N PHE B 22 21.51 3.45 -2.16
CA PHE B 22 22.86 3.36 -1.60
C PHE B 22 23.54 2.12 -2.14
N LYS B 23 24.65 2.33 -2.84
CA LYS B 23 25.39 1.27 -3.51
C LYS B 23 26.46 0.71 -2.59
N ASN B 24 26.42 -0.60 -2.34
CA ASN B 24 27.37 -1.23 -1.45
C ASN B 24 28.76 -1.28 -2.07
N ASP B 25 29.66 -0.44 -1.57
CA ASP B 25 31.05 -0.43 -2.00
C ASP B 25 31.93 0.12 -0.88
N LYS B 26 32.45 -0.78 -0.06
CA LYS B 26 33.19 -0.40 1.15
C LYS B 26 34.55 0.23 0.83
N SER B 27 34.97 0.17 -0.42
CA SER B 27 36.22 0.78 -0.83
C SER B 27 36.10 2.29 -0.96
N LYS B 28 34.87 2.79 -0.93
CA LYS B 28 34.61 4.22 -1.07
C LYS B 28 34.11 4.80 0.24
N THR B 29 34.37 6.09 0.45
CA THR B 29 33.85 6.81 1.60
C THR B 29 32.32 6.82 1.48
N TRP B 30 31.64 6.78 2.62
CA TRP B 30 30.21 6.46 2.65
C TRP B 30 29.36 7.34 1.72
N GLN B 31 29.56 8.65 1.75
CA GLN B 31 28.73 9.56 0.95
C GLN B 31 28.89 9.32 -0.55
N ALA B 32 30.04 8.80 -0.97
CA ALA B 32 30.31 8.61 -2.39
C ALA B 32 29.40 7.55 -3.01
N ASN B 33 28.75 6.76 -2.16
CA ASN B 33 27.89 5.67 -2.62
C ASN B 33 26.43 6.08 -2.73
N LEU B 34 26.12 7.31 -2.34
CA LEU B 34 24.75 7.80 -2.39
C LEU B 34 24.35 8.13 -3.82
N ARG B 35 23.15 7.72 -4.21
CA ARG B 35 22.62 7.99 -5.54
C ARG B 35 21.19 8.50 -5.49
N LEU B 36 20.97 9.66 -6.10
CA LEU B 36 19.64 10.21 -6.23
C LEU B 36 18.98 9.64 -7.48
N ILE B 37 17.88 8.92 -7.30
CA ILE B 37 17.23 8.22 -8.41
C ILE B 37 16.19 9.07 -9.12
N SER B 38 15.21 9.55 -8.36
CA SER B 38 14.05 10.21 -8.94
C SER B 38 13.30 11.03 -7.91
N LYS B 39 12.50 11.97 -8.39
CA LYS B 39 11.63 12.77 -7.52
C LYS B 39 10.19 12.81 -8.03
N PHE B 40 9.25 13.04 -7.12
CA PHE B 40 7.83 13.10 -7.47
C PHE B 40 7.07 13.93 -6.45
N ASP B 41 5.91 14.43 -6.86
CA ASP B 41 5.08 15.24 -5.97
C ASP B 41 3.59 15.06 -6.26
N THR B 42 3.23 13.95 -6.89
CA THR B 42 1.84 13.58 -7.08
C THR B 42 1.63 12.11 -6.73
N VAL B 43 0.38 11.76 -6.44
CA VAL B 43 0.00 10.38 -6.19
C VAL B 43 0.33 9.50 -7.39
N GLU B 44 -0.04 9.99 -8.58
CA GLU B 44 0.19 9.23 -9.79
C GLU B 44 1.67 8.92 -10.01
N ASP B 45 2.52 9.91 -9.79
CA ASP B 45 3.95 9.74 -10.04
C ASP B 45 4.62 8.87 -8.97
N PHE B 46 4.08 8.87 -7.76
CA PHE B 46 4.57 7.93 -6.76
C PHE B 46 4.33 6.49 -7.21
N TRP B 47 3.09 6.19 -7.58
CA TRP B 47 2.75 4.81 -7.94
C TRP B 47 3.46 4.37 -9.21
N ALA B 48 3.69 5.31 -10.13
CA ALA B 48 4.42 5.00 -11.35
C ALA B 48 5.82 4.50 -11.00
N LEU B 49 6.43 5.18 -10.04
CA LEU B 49 7.78 4.83 -9.60
C LEU B 49 7.77 3.50 -8.87
N TYR B 50 6.90 3.39 -7.87
CA TYR B 50 6.86 2.20 -7.03
C TYR B 50 6.60 0.96 -7.88
N ASN B 51 5.66 1.06 -8.81
CA ASN B 51 5.28 -0.08 -9.62
C ASN B 51 6.36 -0.56 -10.58
N HIS B 52 7.42 0.25 -10.78
CA HIS B 52 8.40 -0.06 -11.81
C HIS B 52 9.86 -0.10 -11.33
N ILE B 53 10.06 -0.18 -10.02
CA ILE B 53 11.41 -0.38 -9.47
C ILE B 53 11.47 -1.68 -8.67
N GLN B 54 12.69 -2.15 -8.42
CA GLN B 54 12.90 -3.39 -7.68
C GLN B 54 12.33 -3.30 -6.27
N LEU B 55 11.74 -4.40 -5.80
CA LEU B 55 11.32 -4.50 -4.42
C LEU B 55 12.53 -4.55 -3.50
N SER B 56 12.38 -4.04 -2.28
CA SER B 56 13.47 -4.03 -1.32
C SER B 56 13.98 -5.44 -1.07
N SER B 57 13.06 -6.41 -1.05
CA SER B 57 13.39 -7.79 -0.76
C SER B 57 14.28 -8.41 -1.84
N ASN B 58 14.44 -7.72 -2.97
CA ASN B 58 15.25 -8.21 -4.08
C ASN B 58 16.52 -7.40 -4.30
N LEU B 59 16.81 -6.47 -3.38
CA LEU B 59 18.05 -5.71 -3.45
C LEU B 59 19.21 -6.57 -2.97
N MET B 60 20.41 -6.20 -3.38
CA MET B 60 21.61 -6.93 -2.97
C MET B 60 21.94 -6.54 -1.53
N PRO B 61 22.54 -7.48 -0.76
CA PRO B 61 22.91 -7.13 0.61
C PRO B 61 23.85 -5.94 0.67
N GLY B 62 23.62 -5.05 1.63
CA GLY B 62 24.44 -3.87 1.80
C GLY B 62 23.85 -2.64 1.13
N CYS B 63 22.78 -2.83 0.37
CA CYS B 63 22.13 -1.74 -0.35
C CYS B 63 20.96 -1.15 0.43
N ASP B 64 20.67 0.11 0.16
CA ASP B 64 19.55 0.82 0.79
C ASP B 64 18.65 1.51 -0.23
N TYR B 65 17.38 1.62 0.11
CA TYR B 65 16.48 2.61 -0.47
C TYR B 65 16.19 3.66 0.58
N SER B 66 16.03 4.90 0.15
CA SER B 66 15.57 5.96 1.04
C SER B 66 14.58 6.85 0.30
N LEU B 67 13.54 7.28 1.02
CA LEU B 67 12.65 8.31 0.51
C LEU B 67 12.69 9.49 1.46
N PHE B 68 13.14 10.64 0.95
CA PHE B 68 13.28 11.83 1.78
C PHE B 68 12.64 13.04 1.13
N LYS B 69 12.16 13.96 1.95
CA LYS B 69 11.59 15.20 1.45
C LYS B 69 12.62 15.90 0.59
N ASP B 70 12.15 16.53 -0.47
CA ASP B 70 13.00 17.27 -1.38
C ASP B 70 13.92 18.24 -0.62
N GLY B 71 15.23 18.15 -0.90
CA GLY B 71 16.19 19.04 -0.29
C GLY B 71 16.87 18.47 0.93
N ILE B 72 16.40 17.32 1.41
CA ILE B 72 17.04 16.62 2.52
C ILE B 72 17.73 15.37 2.01
N GLU B 73 19.05 15.33 2.12
CA GLU B 73 19.79 14.12 1.76
C GLU B 73 19.69 13.12 2.90
N PRO B 74 19.64 11.82 2.55
CA PRO B 74 19.44 10.76 3.55
C PRO B 74 20.73 10.44 4.31
N MET B 75 21.27 11.44 5.00
CA MET B 75 22.51 11.26 5.76
C MET B 75 22.48 12.14 7.00
N TRP B 76 23.19 11.69 8.03
CA TRP B 76 23.29 12.42 9.29
C TRP B 76 23.70 13.87 9.08
N GLU B 77 24.61 14.08 8.13
CA GLU B 77 25.27 15.37 7.94
C GLU B 77 24.33 16.49 7.49
N ASP B 78 23.18 16.12 6.96
CA ASP B 78 22.21 17.10 6.48
C ASP B 78 21.68 17.94 7.64
N GLU B 79 21.60 19.25 7.42
CA GLU B 79 21.10 20.18 8.44
C GLU B 79 19.81 19.70 9.08
N LYS B 80 18.95 19.09 8.28
CA LYS B 80 17.64 18.64 8.76
C LYS B 80 17.70 17.33 9.53
N ASN B 81 18.84 16.64 9.46
CA ASN B 81 19.02 15.37 10.18
C ASN B 81 20.03 15.47 11.34
N LYS B 82 20.91 16.46 11.30
CA LYS B 82 22.01 16.58 12.26
C LYS B 82 21.57 16.42 13.72
N ARG B 83 20.48 17.10 14.07
CA ARG B 83 19.99 17.10 15.44
C ARG B 83 18.89 16.06 15.63
N GLY B 84 18.70 15.22 14.62
CA GLY B 84 17.57 14.31 14.59
C GLY B 84 17.90 12.90 15.03
N GLY B 85 17.08 11.96 14.57
CA GLY B 85 17.19 10.57 14.97
C GLY B 85 16.22 9.73 14.18
N ARG B 86 16.09 8.46 14.54
CA ARG B 86 15.25 7.56 13.76
C ARG B 86 14.52 6.57 14.64
N TRP B 87 13.26 6.28 14.28
CA TRP B 87 12.56 5.13 14.80
C TRP B 87 13.00 3.91 14.00
N LEU B 88 13.59 2.94 14.67
CA LEU B 88 14.20 1.80 14.01
C LEU B 88 13.39 0.51 14.18
N ILE B 89 13.04 -0.11 13.06
CA ILE B 89 12.43 -1.44 13.06
C ILE B 89 13.46 -2.45 12.58
N THR B 90 13.72 -3.46 13.40
CA THR B 90 14.64 -4.54 13.03
C THR B 90 13.85 -5.78 12.69
N LEU B 91 14.09 -6.31 11.48
CA LEU B 91 13.43 -7.53 11.03
C LEU B 91 14.34 -8.72 11.21
N ASN B 92 13.77 -9.89 11.46
CA ASN B 92 14.52 -11.14 11.44
C ASN B 92 14.68 -11.57 9.98
N LYS B 93 15.55 -12.55 9.74
CA LYS B 93 15.89 -12.90 8.36
C LYS B 93 14.73 -13.51 7.59
N GLN B 94 13.88 -14.27 8.27
CA GLN B 94 12.74 -14.92 7.61
C GLN B 94 11.69 -13.91 7.15
N GLN B 95 11.73 -12.71 7.71
CA GLN B 95 10.78 -11.66 7.35
C GLN B 95 11.13 -11.00 6.02
N ARG B 96 12.23 -11.43 5.41
CA ARG B 96 12.65 -10.89 4.11
C ARG B 96 11.53 -11.01 3.08
N ARG B 97 10.99 -12.22 2.93
CA ARG B 97 9.97 -12.48 1.94
C ARG B 97 8.57 -12.18 2.48
N SER B 98 8.43 -12.26 3.81
CA SER B 98 7.12 -12.20 4.44
C SER B 98 6.61 -10.77 4.65
N ASP B 99 7.45 -9.92 5.23
CA ASP B 99 6.99 -8.64 5.76
C ASP B 99 7.72 -7.42 5.23
N LEU B 100 8.94 -7.62 4.72
CA LEU B 100 9.79 -6.47 4.35
C LEU B 100 9.11 -5.53 3.37
N ASP B 101 8.58 -6.09 2.28
CA ASP B 101 7.99 -5.25 1.24
C ASP B 101 6.71 -4.59 1.74
N ARG B 102 5.92 -5.30 2.53
CA ARG B 102 4.71 -4.73 3.11
C ARG B 102 5.07 -3.59 4.06
N PHE B 103 6.05 -3.83 4.93
CA PHE B 103 6.50 -2.81 5.87
C PHE B 103 6.98 -1.57 5.14
N TRP B 104 7.78 -1.76 4.09
CA TRP B 104 8.34 -0.63 3.38
C TRP B 104 7.25 0.17 2.67
N LEU B 105 6.31 -0.50 2.02
CA LEU B 105 5.25 0.24 1.34
C LEU B 105 4.37 0.99 2.33
N GLU B 106 4.04 0.35 3.45
CA GLU B 106 3.25 1.02 4.47
C GLU B 106 4.02 2.21 5.05
N THR B 107 5.35 2.09 5.11
CA THR B 107 6.19 3.21 5.55
C THR B 107 6.15 4.35 4.54
N LEU B 108 6.32 4.02 3.26
CA LEU B 108 6.23 5.02 2.20
C LEU B 108 4.91 5.77 2.27
N LEU B 109 3.82 5.05 2.54
CA LEU B 109 2.51 5.66 2.56
C LEU B 109 2.33 6.57 3.78
N CYS B 110 2.96 6.21 4.89
CA CYS B 110 3.00 7.09 6.06
C CYS B 110 3.64 8.43 5.72
N LEU B 111 4.75 8.36 4.98
CA LEU B 111 5.45 9.57 4.57
C LEU B 111 4.58 10.43 3.65
N ILE B 112 4.26 9.91 2.46
CA ILE B 112 3.65 10.75 1.43
C ILE B 112 2.21 11.10 1.78
N GLY B 113 1.59 10.30 2.64
CA GLY B 113 0.24 10.56 3.10
C GLY B 113 0.17 11.45 4.33
N GLU B 114 1.33 11.84 4.85
CA GLU B 114 1.42 12.72 6.01
C GLU B 114 0.59 12.16 7.16
N SER B 115 0.86 10.90 7.50
CA SER B 115 0.04 10.15 8.44
C SER B 115 0.21 10.56 9.91
N PHE B 116 1.18 11.44 10.18
CA PHE B 116 1.47 11.84 11.54
C PHE B 116 0.91 13.23 11.86
N ASP B 117 -0.01 13.68 10.99
CA ASP B 117 -0.79 14.89 11.22
C ASP B 117 0.10 16.09 11.55
N ASP B 118 -0.11 16.68 12.73
CA ASP B 118 0.59 17.91 13.13
C ASP B 118 2.05 17.68 13.46
N TYR B 119 2.51 16.44 13.28
CA TYR B 119 3.88 16.07 13.57
C TYR B 119 4.62 15.60 12.32
N SER B 120 3.91 15.44 11.21
CA SER B 120 4.55 14.99 9.98
C SER B 120 5.61 16.01 9.52
N ASP B 121 5.51 17.23 10.02
CA ASP B 121 6.49 18.26 9.73
C ASP B 121 7.86 17.89 10.28
N ASP B 122 7.89 17.06 11.32
CA ASP B 122 9.15 16.63 11.93
C ASP B 122 9.78 15.46 11.17
N VAL B 123 9.03 14.87 10.25
CA VAL B 123 9.54 13.75 9.46
C VAL B 123 10.45 14.23 8.35
N CYS B 124 11.60 13.59 8.20
CA CYS B 124 12.53 13.90 7.12
C CYS B 124 12.42 12.87 5.99
N GLY B 125 12.28 11.61 6.37
CA GLY B 125 12.18 10.54 5.40
C GLY B 125 12.27 9.17 6.04
N ALA B 126 12.53 8.17 5.21
CA ALA B 126 12.66 6.81 5.71
C ALA B 126 13.72 6.06 4.93
N VAL B 127 14.28 5.05 5.57
CA VAL B 127 15.36 4.25 5.01
C VAL B 127 15.07 2.76 5.20
N VAL B 128 15.29 1.97 4.16
CA VAL B 128 15.29 0.52 4.31
C VAL B 128 16.70 0.02 4.05
N ASN B 129 17.25 -0.70 5.02
CA ASN B 129 18.55 -1.35 4.88
C ASN B 129 18.34 -2.82 4.60
N VAL B 130 18.87 -3.30 3.48
CA VAL B 130 18.87 -4.72 3.19
C VAL B 130 20.19 -5.29 3.65
N ARG B 131 20.14 -6.19 4.62
CA ARG B 131 21.32 -6.71 5.29
C ARG B 131 21.17 -8.20 5.57
N ALA B 132 22.27 -8.93 5.46
CA ALA B 132 22.27 -10.37 5.69
C ALA B 132 21.91 -10.69 7.14
N LYS B 133 22.41 -9.88 8.07
CA LYS B 133 22.18 -10.11 9.48
C LYS B 133 20.73 -9.83 9.88
N GLY B 134 20.02 -9.09 9.03
CA GLY B 134 18.64 -8.72 9.30
C GLY B 134 18.34 -7.35 8.74
N ASP B 135 17.23 -7.24 8.00
CA ASP B 135 16.87 -5.98 7.37
C ASP B 135 16.40 -4.97 8.41
N LYS B 136 16.48 -3.69 8.05
CA LYS B 136 16.05 -2.61 8.92
C LYS B 136 15.24 -1.60 8.13
N ILE B 137 14.19 -1.11 8.76
CA ILE B 137 13.43 0.01 8.23
C ILE B 137 13.36 1.08 9.31
N ALA B 138 13.48 2.34 8.91
CA ALA B 138 13.47 3.42 9.88
C ALA B 138 12.84 4.70 9.33
N ILE B 139 12.14 5.40 10.21
CA ILE B 139 11.68 6.76 9.90
C ILE B 139 12.58 7.74 10.62
N TRP B 140 13.15 8.65 9.84
CA TRP B 140 14.05 9.68 10.34
C TRP B 140 13.27 10.95 10.65
N THR B 141 13.53 11.55 11.82
CA THR B 141 12.88 12.80 12.21
C THR B 141 13.95 13.84 12.51
N THR B 142 13.53 15.10 12.59
CA THR B 142 14.46 16.22 12.48
C THR B 142 15.06 16.70 13.81
N GLU B 143 14.39 16.41 14.93
CA GLU B 143 14.87 16.85 16.25
C GLU B 143 14.64 15.78 17.30
N CYS B 144 15.73 15.20 17.80
CA CYS B 144 15.63 14.09 18.76
C CYS B 144 15.16 14.56 20.12
N GLU B 145 15.20 15.87 20.38
CA GLU B 145 14.77 16.43 21.65
C GLU B 145 13.29 16.85 21.63
N ASN B 146 12.66 16.76 20.47
CA ASN B 146 11.23 17.05 20.34
C ASN B 146 10.42 15.84 20.81
N ARG B 147 10.38 15.64 22.13
CA ARG B 147 9.80 14.44 22.71
C ARG B 147 8.36 14.20 22.28
N GLU B 148 7.55 15.26 22.26
CA GLU B 148 6.14 15.15 21.91
C GLU B 148 5.96 14.62 20.49
N ALA B 149 6.69 15.20 19.55
CA ALA B 149 6.59 14.79 18.16
C ALA B 149 7.15 13.37 17.97
N VAL B 150 8.31 13.11 18.54
CA VAL B 150 8.98 11.83 18.36
C VAL B 150 8.16 10.68 18.92
N THR B 151 7.56 10.88 20.08
CA THR B 151 6.74 9.86 20.72
C THR B 151 5.48 9.58 19.89
N HIS B 152 4.83 10.65 19.44
CA HIS B 152 3.62 10.52 18.65
C HIS B 152 3.88 9.77 17.34
N ILE B 153 4.95 10.15 16.65
CA ILE B 153 5.32 9.49 15.40
C ILE B 153 5.60 8.00 15.64
N GLY B 154 6.32 7.68 16.71
CA GLY B 154 6.65 6.31 17.01
C GLY B 154 5.43 5.44 17.25
N ARG B 155 4.51 5.91 18.07
CA ARG B 155 3.33 5.12 18.42
C ARG B 155 2.42 4.90 17.21
N VAL B 156 2.28 5.92 16.37
CA VAL B 156 1.43 5.80 15.19
C VAL B 156 2.06 4.85 14.18
N TYR B 157 3.37 4.98 14.01
CA TYR B 157 4.13 4.17 13.07
C TYR B 157 4.06 2.68 13.44
N LYS B 158 4.31 2.39 14.72
CA LYS B 158 4.27 1.02 15.22
C LYS B 158 2.89 0.40 15.01
N GLU B 159 1.84 1.18 15.27
CA GLU B 159 0.48 0.69 15.10
C GLU B 159 0.16 0.50 13.62
N ARG B 160 0.56 1.46 12.81
CA ARG B 160 0.26 1.44 11.38
C ARG B 160 0.82 0.19 10.71
N LEU B 161 2.01 -0.24 11.13
CA LEU B 161 2.64 -1.42 10.54
C LEU B 161 2.23 -2.72 11.24
N GLY B 162 1.43 -2.59 12.30
CA GLY B 162 0.89 -3.75 12.99
C GLY B 162 1.97 -4.59 13.65
N LEU B 163 3.04 -3.95 14.08
CA LEU B 163 4.14 -4.65 14.74
C LEU B 163 3.64 -5.24 16.06
N PRO B 164 4.23 -6.37 16.49
CA PRO B 164 3.83 -6.98 17.77
C PRO B 164 3.90 -5.97 18.93
N PRO B 165 2.77 -5.71 19.60
CA PRO B 165 2.74 -4.68 20.65
C PRO B 165 3.71 -4.95 21.80
N LYS B 166 3.92 -6.21 22.12
CA LYS B 166 4.75 -6.60 23.26
C LYS B 166 6.20 -6.19 23.07
N ILE B 167 6.64 -6.11 21.81
CA ILE B 167 8.03 -5.80 21.50
C ILE B 167 8.19 -4.33 21.17
N VAL B 168 9.03 -3.63 21.93
CA VAL B 168 9.21 -2.20 21.69
C VAL B 168 10.16 -1.98 20.51
N ILE B 169 9.97 -0.86 19.83
CA ILE B 169 10.96 -0.36 18.89
C ILE B 169 11.64 0.83 19.55
N GLY B 170 12.84 1.16 19.09
CA GLY B 170 13.65 2.19 19.71
C GLY B 170 13.89 3.37 18.81
N TYR B 171 14.00 4.54 19.43
CA TYR B 171 14.37 5.76 18.73
C TYR B 171 15.80 6.12 19.10
N GLN B 172 16.66 6.18 18.09
CA GLN B 172 18.07 6.52 18.27
C GLN B 172 18.36 7.90 17.75
N SER B 173 19.13 8.67 18.52
CA SER B 173 19.67 9.93 18.03
C SER B 173 20.81 9.66 17.05
N HIS B 174 20.85 10.39 15.94
CA HIS B 174 21.94 10.24 14.97
C HIS B 174 23.27 10.63 15.61
N ALA B 175 23.22 11.59 16.53
CA ALA B 175 24.41 12.02 17.25
C ALA B 175 25.02 10.82 17.95
N ASP B 176 24.17 10.02 18.58
CA ASP B 176 24.61 8.83 19.29
C ASP B 176 25.10 7.76 18.31
N THR B 177 24.35 7.55 17.24
CA THR B 177 24.69 6.55 16.25
C THR B 177 26.04 6.85 15.63
N ALA B 178 26.29 8.14 15.39
CA ALA B 178 27.52 8.58 14.73
C ALA B 178 28.75 8.45 15.63
N THR B 179 28.53 8.32 16.94
CA THR B 179 29.64 8.18 17.88
C THR B 179 29.60 6.81 18.56
N LYS B 180 28.94 5.86 17.90
CA LYS B 180 28.77 4.50 18.42
C LYS B 180 30.11 3.82 18.72
N SER B 181 30.21 3.27 19.92
CA SER B 181 31.42 2.57 20.35
C SER B 181 31.14 1.09 20.57
N LYS B 186 22.21 3.16 21.69
CA LYS B 186 21.29 3.36 22.80
C LYS B 186 20.06 4.14 22.33
N ASN B 187 18.94 3.93 23.02
CA ASN B 187 17.67 4.54 22.66
C ASN B 187 17.33 5.75 23.52
N ARG B 188 16.83 6.80 22.88
CA ARG B 188 16.32 7.98 23.59
C ARG B 188 14.89 7.72 24.05
N PHE B 189 14.15 6.98 23.23
CA PHE B 189 12.76 6.62 23.52
C PHE B 189 12.48 5.20 23.05
N VAL B 190 11.44 4.59 23.62
CA VAL B 190 10.92 3.33 23.11
C VAL B 190 9.40 3.39 23.10
N VAL B 191 8.77 2.65 22.19
CA VAL B 191 7.32 2.50 22.17
C VAL B 191 6.94 1.10 21.72
PA M7G C . -16.75 -17.02 -10.69
O1A M7G C . -16.74 -15.50 -10.57
O2A M7G C . -16.10 -17.60 -9.45
O3A M7G C . -15.94 -17.42 -12.01
O5' M7G C . -18.25 -17.49 -10.79
PB M7G C . -15.05 -18.72 -12.22
O1B M7G C . -15.73 -19.64 -13.22
O2B M7G C . -13.69 -18.30 -12.78
O3B M7G C . -14.84 -19.47 -10.93
C5' M7G C . -18.55 -18.88 -11.08
C4' M7G C . -19.88 -19.08 -10.82
O4' M7G C . -20.30 -18.37 -9.49
C3' M7G C . -20.78 -18.41 -11.90
O3' M7G C . -21.07 -19.38 -13.02
C2' M7G C . -21.85 -18.09 -11.30
O2' M7G C . -22.84 -19.12 -11.48
C1' M7G C . -21.49 -17.93 -9.65
N9 M7G C . -21.51 -16.60 -9.30
C8 M7G C . -20.52 -15.73 -9.35
N7 M7G C . -20.93 -14.52 -8.93
CM7 M7G C . -20.12 -13.33 -8.84
C5 M7G C . -22.26 -14.62 -8.59
C6 M7G C . -23.27 -13.65 -8.06
O6 M7G C . -22.97 -12.50 -7.85
N1 M7G C . -24.59 -14.08 -7.82
C2 M7G C . -24.96 -15.44 -8.07
N2 M7G C . -26.26 -15.88 -7.82
N3 M7G C . -23.98 -16.38 -8.58
C4 M7G C . -22.62 -15.93 -8.83
H5'1 M7G C . -18.36 -19.08 -12.03
H5'2 M7G C . -18.01 -19.47 -10.50
H4' M7G C . -20.08 -20.03 -10.78
H3' M7G C . -20.33 -17.61 -12.26
HO3' M7G C . -20.98 -18.97 -13.80
H2' M7G C . -22.20 -17.22 -11.66
HO2' M7G C . -23.57 -18.78 -11.85
H1' M7G C . -22.18 -18.27 -9.02
H81 M7G C . -19.63 -15.93 -9.65
HM71 M7G C . -19.81 -13.08 -9.74
HM72 M7G C . -19.36 -13.50 -8.26
HM73 M7G C . -20.64 -12.61 -8.47
HN21 M7G C . -26.87 -15.30 -7.51
HN22 M7G C . -26.48 -16.75 -7.99
C10 34J D . -11.65 -19.45 7.94
C13 34J D . -10.32 -16.27 8.72
C15 34J D . -11.30 -14.18 9.41
C20 34J D . -9.06 -15.75 8.96
C21 34J D . -9.48 -18.15 7.55
C26 34J D . -15.80 -20.35 6.06
CL17 34J D . -9.87 -12.08 10.24
CL19 34J D . -7.34 -13.76 9.77
N01 34J D . -18.56 -20.11 3.53
C02 34J D . -17.69 -20.61 4.58
C03 34J D . -17.93 -21.86 5.12
C04 34J D . -17.12 -22.37 6.13
C05 34J D . -16.05 -21.60 6.60
C06 34J D . -15.13 -22.17 7.71
C07 34J D . -13.68 -22.51 7.33
N08 34J D . -12.70 -21.57 7.34
N09 34J D . -12.78 -20.46 8.02
N11 34J D . -11.62 -18.22 8.46
C12 34J D . -10.48 -17.50 8.26
C14 34J D . -11.43 -15.49 8.94
C16 34J D . -10.05 -13.66 9.67
C18 34J D . -8.94 -14.45 9.44
S22 34J D . -10.13 -19.71 7.19
C23 34J D . -13.48 -23.74 6.51
O24 34J D . -12.41 -23.94 5.88
O25 34J D . -14.44 -24.63 6.45
C27 34J D . -16.62 -19.85 5.06
N28 34J D . -16.34 -18.51 4.49
O29 34J D . -16.93 -18.12 3.41
O30 34J D . -15.50 -17.75 5.06
H151 34J D . -12.03 -13.68 9.56
H201 34J D . -8.27 -16.29 8.81
H211 34J D . -8.60 -17.81 7.31
H261 34J D . -15.06 -19.84 6.39
H011 34J D . -19.19 -20.70 3.11
H012 34J D . -18.51 -19.21 3.26
H031 34J D . -18.70 -22.41 4.78
H041 34J D . -17.29 -23.23 6.49
H062 34J D . -15.50 -22.90 8.01
H061 34J D . -15.12 -21.52 8.45
H091 34J D . -13.53 -20.27 8.56
H141 34J D . -12.34 -15.85 8.76
PA M7G E . 24.43 1.16 8.39
O1A M7G E . 23.24 2.05 8.74
O2A M7G E . 24.35 0.77 6.95
O3A M7G E . 24.42 -0.11 9.36
O5' M7G E . 25.74 2.00 8.63
PB M7G E . 24.92 -1.57 8.99
O1B M7G E . 23.79 -2.57 9.26
O2B M7G E . 26.12 -1.91 9.86
O3B M7G E . 25.32 -1.66 7.54
C5' M7G E . 27.03 1.36 8.45
C4' M7G E . 27.96 2.36 8.30
O4' M7G E . 27.44 3.43 7.27
C3' M7G E . 28.15 3.16 9.62
O3' M7G E . 29.31 2.59 10.41
C2' M7G E . 28.41 4.35 9.27
O2' M7G E . 29.84 4.57 9.30
C1' M7G E . 27.86 4.56 7.68
N9 M7G E . 26.80 5.43 7.70
C8 M7G E . 25.51 5.15 7.84
N7 M7G E . 24.78 6.28 7.78
CM7 M7G E . 23.35 6.39 7.91
C5 M7G E . 25.63 7.33 7.58
C6 M7G E . 25.43 8.79 7.43
O6 M7G E . 24.31 9.25 7.48
N1 M7G E . 26.55 9.63 7.22
C2 M7G E . 27.87 9.07 7.16
N2 M7G E . 28.97 9.88 6.96
N3 M7G E . 28.06 7.63 7.31
C4 M7G E . 26.91 6.79 7.52
H5'1 M7G E . 27.25 0.82 9.25
H5'2 M7G E . 27.02 0.80 7.64
H4' M7G E . 28.81 1.99 8.00
H3' M7G E . 27.33 3.13 10.15
HO3' M7G E . 29.06 2.49 11.25
H2' M7G E . 27.96 5.00 9.88
HO2' M7G E . 30.02 5.30 9.78
H1' M7G E . 28.46 5.05 7.07
H81 M7G E . 25.16 4.27 7.98
HM71 M7G E . 22.98 6.75 7.07
HM72 M7G E . 22.97 5.51 8.07
HM73 M7G E . 23.14 6.98 8.64
HN21 M7G E . 28.87 10.76 6.87
HN22 M7G E . 29.81 9.51 6.92
#